data_8PWD
#
_entry.id   8PWD
#
_cell.length_a   66.633
_cell.length_b   66.633
_cell.length_c   265.644
_cell.angle_alpha   90.000
_cell.angle_beta   90.000
_cell.angle_gamma   120.000
#
_symmetry.space_group_name_H-M   'P 65 2 2'
#
loop_
_entity.id
_entity.type
_entity.pdbx_description
1 polymer 'Vitamin D3 receptor A'
2 polymer 'Nuclear receptor coactivator 2'
3 non-polymer (1R,3S,5Z)-4-methylidene-5-[(E)-3-[3-[7,7,7-tris(fluoranyl)-6-oxidanyl-6-(trifluoromethyl)hept-3-ynyl]phenyl]pent-2-enylidene]cyclohexane-1,3-diol
4 water water
#
loop_
_entity_poly.entity_id
_entity_poly.type
_entity_poly.pdbx_seq_one_letter_code
_entity_poly.pdbx_strand_id
1 'polypeptide(L)'
;GSHMLSDEQMQIINSLVEAHHKTYDDSYSDFVRFRPPVREGPVTRSASRAASLHSLSDASSDSFNHSPESVDTKLNFSNL
LMMYQDSGSPDSSEEDQQSRLSMLPHLADLVSYSIQKVIGFAKMIPGFRDLTAEDQIALLKSSAIEIIMLRSNQSFSLED
MSWSCGGPDFKYCINDVTKAGHTLELLEPLVKFQVGLKKLKLHEEEHVLLMAICLLSPDRPGVQDHVRIEALQDRLCDVL
QAYIRIQHPGGRLLYAKMIQKLADLRSLNEEHSKQYRSLSFQPEHSMQLTPLVLEVFGSEVS
;
A
2 'polypeptide(L)' KHKILHRLLQDSS B
#
# COMPACT_ATOMS: atom_id res chain seq x y z
N MET A 4 -26.42 3.29 14.66
CA MET A 4 -25.45 2.53 15.46
C MET A 4 -24.64 1.45 14.66
N LEU A 5 -23.44 1.10 15.12
CA LEU A 5 -22.65 -0.02 14.55
C LEU A 5 -22.85 -1.29 15.37
N SER A 6 -22.84 -2.45 14.71
CA SER A 6 -23.10 -3.62 15.54
C SER A 6 -21.81 -4.02 16.26
N ASP A 7 -21.96 -4.84 17.30
CA ASP A 7 -20.78 -5.26 18.04
C ASP A 7 -19.73 -5.87 17.14
N GLU A 8 -20.15 -6.60 16.09
CA GLU A 8 -19.16 -7.19 15.20
C GLU A 8 -18.45 -6.15 14.34
N GLN A 9 -19.17 -5.12 13.89
CA GLN A 9 -18.50 -4.13 13.04
C GLN A 9 -17.48 -3.31 13.83
N MET A 10 -17.68 -3.14 15.14
CA MET A 10 -16.67 -2.44 15.93
C MET A 10 -15.49 -3.36 16.26
N GLN A 11 -15.69 -4.67 16.26
CA GLN A 11 -14.56 -5.57 16.43
C GLN A 11 -13.64 -5.52 15.21
N ILE A 12 -14.22 -5.54 14.01
CA ILE A 12 -13.42 -5.38 12.80
C ILE A 12 -12.65 -4.07 12.84
N ILE A 13 -13.28 -2.99 13.31
CA ILE A 13 -12.59 -1.70 13.41
C ILE A 13 -11.52 -1.75 14.47
N ASN A 14 -11.83 -2.32 15.65
CA ASN A 14 -10.79 -2.47 16.67
C ASN A 14 -9.59 -3.20 16.11
N SER A 15 -9.80 -4.40 15.59
CA SER A 15 -8.67 -5.24 15.21
C SER A 15 -7.95 -4.75 13.95
N LEU A 16 -8.59 -3.96 13.10
CA LEU A 16 -7.88 -3.42 11.95
C LEU A 16 -7.01 -2.24 12.33
N VAL A 17 -7.45 -1.42 13.28
CA VAL A 17 -6.61 -0.31 13.73
C VAL A 17 -5.38 -0.82 14.46
N GLU A 18 -5.55 -1.80 15.34
CA GLU A 18 -4.40 -2.37 16.05
C GLU A 18 -3.40 -3.01 15.09
N ALA A 19 -3.89 -3.66 14.03
CA ALA A 19 -2.98 -4.25 13.06
C ALA A 19 -2.13 -3.18 12.41
N HIS A 20 -2.72 -2.04 12.09
CA HIS A 20 -1.92 -0.95 11.57
C HIS A 20 -0.85 -0.53 12.56
N HIS A 21 -1.23 -0.31 13.82
CA HIS A 21 -0.24 0.20 14.79
C HIS A 21 0.91 -0.77 14.98
N LYS A 22 0.67 -2.07 14.85
CA LYS A 22 1.78 -3.01 14.94
C LYS A 22 2.69 -2.96 13.72
N THR A 23 2.20 -2.51 12.58
CA THR A 23 2.97 -2.66 11.34
C THR A 23 3.38 -1.31 10.74
N TYR A 24 3.18 -0.19 11.44
CA TYR A 24 3.68 1.09 10.96
C TYR A 24 4.39 1.84 12.08
N ASP A 25 5.64 2.21 11.84
CA ASP A 25 6.50 2.84 12.84
C ASP A 25 6.63 4.32 12.54
N ASP A 26 5.91 5.14 13.29
CA ASP A 26 5.95 6.59 13.08
C ASP A 26 7.32 7.19 13.33
N SER A 27 8.29 6.41 13.81
CA SER A 27 9.64 6.91 14.03
C SER A 27 10.56 6.67 12.84
N TYR A 28 10.21 5.76 11.92
CA TYR A 28 11.03 5.44 10.75
C TYR A 28 12.45 5.08 11.15
N SER A 29 12.59 4.41 12.30
CA SER A 29 13.90 4.17 12.87
C SER A 29 14.70 3.13 12.08
N ASP A 30 14.02 2.10 11.55
CA ASP A 30 14.68 1.06 10.77
C ASP A 30 15.20 1.56 9.43
N PHE A 31 14.97 2.83 9.09
CA PHE A 31 15.50 3.33 7.83
C PHE A 31 17.01 3.32 7.82
N VAL A 32 17.61 3.41 9.01
CA VAL A 32 19.04 3.39 9.13
C VAL A 32 19.64 2.02 8.80
N ARG A 33 18.85 0.94 8.89
CA ARG A 33 19.33 -0.38 8.49
C ARG A 33 19.37 -0.58 6.98
N PHE A 34 18.88 0.35 6.16
CA PHE A 34 18.83 0.15 4.72
C PHE A 34 20.18 0.50 4.08
N ARG A 35 20.27 0.33 2.76
CA ARG A 35 21.44 0.92 2.10
C ARG A 35 21.25 2.43 1.99
N PRO A 36 22.29 3.21 2.25
CA PRO A 36 22.16 4.66 2.24
C PRO A 36 21.66 5.18 0.89
N PRO A 37 21.05 6.37 0.89
CA PRO A 37 20.73 7.04 -0.38
C PRO A 37 21.89 7.87 -0.88
N VAL A 38 21.95 8.02 -2.20
CA VAL A 38 23.01 8.79 -2.84
C VAL A 38 22.39 9.76 -3.84
N ARG A 39 22.82 11.01 -3.77
CA ARG A 39 22.34 12.07 -4.66
C ARG A 39 23.49 12.88 -5.26
N ARG A 100 22.45 6.73 -14.11
CA ARG A 100 23.21 5.95 -13.12
C ARG A 100 22.28 5.26 -12.11
N LEU A 101 21.19 5.94 -11.74
CA LEU A 101 20.18 5.44 -10.80
C LEU A 101 20.78 5.22 -9.41
N SER A 102 21.29 6.31 -8.83
CA SER A 102 22.02 6.22 -7.56
C SER A 102 21.11 6.02 -6.36
N MET A 103 19.83 6.37 -6.46
CA MET A 103 18.87 6.22 -5.37
C MET A 103 18.21 4.85 -5.35
N LEU A 104 18.54 4.00 -6.31
CA LEU A 104 17.93 2.70 -6.54
C LEU A 104 18.21 1.70 -5.43
N PRO A 105 19.45 1.54 -4.96
CA PRO A 105 19.62 0.67 -3.77
C PRO A 105 18.69 1.02 -2.65
N HIS A 106 18.74 2.26 -2.15
CA HIS A 106 18.04 2.61 -0.92
C HIS A 106 16.52 2.50 -1.05
N LEU A 107 15.96 2.81 -2.22
CA LEU A 107 14.51 2.66 -2.35
C LEU A 107 14.09 1.20 -2.41
N ALA A 108 14.84 0.36 -3.13
CA ALA A 108 14.48 -1.05 -3.18
C ALA A 108 14.43 -1.63 -1.77
N ASP A 109 15.47 -1.36 -0.98
CA ASP A 109 15.49 -1.75 0.42
C ASP A 109 14.28 -1.19 1.15
N LEU A 110 13.86 0.03 0.80
CA LEU A 110 12.74 0.66 1.48
C LEU A 110 11.43 -0.01 1.15
N VAL A 111 11.16 -0.22 -0.14
CA VAL A 111 9.91 -0.88 -0.54
C VAL A 111 9.87 -2.31 -0.04
N SER A 112 10.99 -3.02 -0.15
CA SER A 112 11.08 -4.39 0.33
C SER A 112 10.67 -4.50 1.78
N TYR A 113 11.13 -3.55 2.61
CA TYR A 113 10.74 -3.50 4.01
C TYR A 113 9.24 -3.26 4.16
N SER A 114 8.63 -2.50 3.24
CA SER A 114 7.21 -2.16 3.34
C SER A 114 6.33 -3.33 2.98
N ILE A 115 6.71 -4.06 1.92
CA ILE A 115 6.10 -5.33 1.59
C ILE A 115 6.05 -6.24 2.80
N GLN A 116 7.12 -6.28 3.59
CA GLN A 116 7.08 -7.09 4.79
C GLN A 116 6.02 -6.60 5.76
N LYS A 117 5.69 -5.31 5.75
CA LYS A 117 4.73 -4.78 6.71
C LYS A 117 3.31 -4.95 6.20
N VAL A 118 3.13 -4.83 4.88
CA VAL A 118 1.83 -5.10 4.30
C VAL A 118 1.41 -6.56 4.53
N ILE A 119 2.36 -7.50 4.45
CA ILE A 119 2.01 -8.89 4.73
C ILE A 119 1.59 -9.09 6.19
N GLY A 120 2.27 -8.41 7.13
CA GLY A 120 1.84 -8.46 8.52
C GLY A 120 0.45 -7.89 8.76
N PHE A 121 0.15 -6.76 8.11
CA PHE A 121 -1.19 -6.18 8.20
C PHE A 121 -2.24 -7.14 7.64
N ALA A 122 -1.99 -7.69 6.45
CA ALA A 122 -2.96 -8.54 5.77
C ALA A 122 -3.27 -9.78 6.57
N LYS A 123 -2.29 -10.34 7.27
CA LYS A 123 -2.54 -11.54 8.07
C LYS A 123 -3.52 -11.29 9.19
N MET A 124 -3.90 -10.03 9.40
CA MET A 124 -4.69 -9.66 10.55
C MET A 124 -6.05 -9.07 10.14
N ILE A 125 -6.36 -9.00 8.85
CA ILE A 125 -7.72 -8.68 8.41
C ILE A 125 -8.64 -9.87 8.67
N PRO A 126 -9.72 -9.69 9.41
CA PRO A 126 -10.64 -10.82 9.60
C PRO A 126 -11.06 -11.44 8.27
N GLY A 127 -10.89 -12.75 8.13
CA GLY A 127 -11.25 -13.46 6.93
C GLY A 127 -10.10 -13.74 5.98
N PHE A 128 -9.02 -12.95 6.02
CA PHE A 128 -7.92 -13.18 5.09
C PHE A 128 -7.19 -14.47 5.42
N ARG A 129 -6.95 -14.71 6.72
CA ARG A 129 -6.23 -15.88 7.19
C ARG A 129 -6.87 -17.18 6.74
N ASP A 130 -8.14 -17.14 6.34
CA ASP A 130 -8.91 -18.31 5.99
C ASP A 130 -9.04 -18.55 4.49
N LEU A 131 -8.64 -17.61 3.64
CA LEU A 131 -8.57 -17.89 2.22
C LEU A 131 -7.46 -18.90 1.98
N THR A 132 -7.49 -19.57 0.82
CA THR A 132 -6.44 -20.55 0.56
C THR A 132 -5.11 -19.84 0.31
N ALA A 133 -4.02 -20.63 0.28
CA ALA A 133 -2.71 -20.01 0.18
C ALA A 133 -2.52 -19.34 -1.16
N GLU A 134 -3.11 -19.92 -2.21
CA GLU A 134 -2.97 -19.32 -3.53
C GLU A 134 -3.69 -17.99 -3.63
N ASP A 135 -4.88 -17.89 -3.03
CA ASP A 135 -5.62 -16.63 -3.08
C ASP A 135 -4.90 -15.53 -2.29
N GLN A 136 -4.35 -15.85 -1.13
CA GLN A 136 -3.60 -14.85 -0.39
C GLN A 136 -2.45 -14.29 -1.21
N ILE A 137 -1.73 -15.16 -1.92
CA ILE A 137 -0.58 -14.71 -2.69
C ILE A 137 -1.01 -13.87 -3.88
N ALA A 138 -2.09 -14.28 -4.55
CA ALA A 138 -2.55 -13.53 -5.72
C ALA A 138 -3.06 -12.14 -5.32
N LEU A 139 -3.87 -12.05 -4.26
CA LEU A 139 -4.25 -10.76 -3.75
C LEU A 139 -3.01 -9.90 -3.48
N LEU A 140 -2.06 -10.42 -2.70
CA LEU A 140 -0.86 -9.69 -2.33
C LEU A 140 -0.05 -9.24 -3.53
N LYS A 141 0.28 -10.15 -4.44
CA LYS A 141 1.09 -9.76 -5.59
C LYS A 141 0.45 -8.63 -6.38
N SER A 142 -0.87 -8.65 -6.55
CA SER A 142 -1.54 -7.64 -7.34
C SER A 142 -1.76 -6.32 -6.61
N SER A 143 -1.91 -6.31 -5.29
CA SER A 143 -2.26 -5.07 -4.60
C SER A 143 -1.15 -4.51 -3.73
N ALA A 144 0.05 -5.10 -3.72
CA ALA A 144 1.08 -4.64 -2.80
C ALA A 144 1.46 -3.19 -3.06
N ILE A 145 1.68 -2.84 -4.33
CA ILE A 145 2.13 -1.50 -4.67
C ILE A 145 1.11 -0.43 -4.26
N GLU A 146 -0.19 -0.76 -4.34
CA GLU A 146 -1.24 0.20 -4.03
C GLU A 146 -1.38 0.42 -2.52
N ILE A 147 -1.28 -0.64 -1.74
CA ILE A 147 -1.30 -0.49 -0.29
C ILE A 147 -0.12 0.35 0.14
N ILE A 148 1.04 0.13 -0.49
CA ILE A 148 2.24 0.91 -0.22
C ILE A 148 2.01 2.38 -0.52
N MET A 149 1.37 2.68 -1.65
CA MET A 149 1.04 4.07 -1.95
C MET A 149 0.08 4.65 -0.93
N LEU A 150 -0.78 3.81 -0.37
CA LEU A 150 -1.77 4.25 0.60
C LEU A 150 -1.13 4.57 1.95
N ARG A 151 -0.34 3.63 2.49
CA ARG A 151 0.34 3.86 3.77
C ARG A 151 1.42 4.93 3.67
N SER A 152 1.97 5.14 2.48
CA SER A 152 2.89 6.25 2.27
C SER A 152 2.22 7.61 2.47
N ASN A 153 0.88 7.68 2.43
CA ASN A 153 0.26 8.99 2.65
C ASN A 153 0.52 9.50 4.06
N GLN A 154 0.72 8.59 5.01
CA GLN A 154 0.88 9.01 6.41
C GLN A 154 2.15 9.82 6.64
N SER A 155 3.16 9.71 5.78
CA SER A 155 4.41 10.47 5.90
C SER A 155 4.55 11.60 4.89
N PHE A 156 3.63 11.71 3.94
CA PHE A 156 3.64 12.75 2.92
C PHE A 156 3.18 14.08 3.51
N SER A 157 4.04 15.09 3.48
CA SER A 157 3.66 16.41 3.96
C SER A 157 3.18 17.27 2.80
N LEU A 158 2.15 18.07 3.07
CA LEU A 158 1.59 18.92 2.02
C LEU A 158 2.55 20.04 1.65
N GLU A 159 3.21 20.62 2.63
CA GLU A 159 4.39 21.43 2.38
C GLU A 159 5.57 20.50 2.07
N ASP A 160 6.63 21.10 1.52
CA ASP A 160 7.79 20.37 0.99
C ASP A 160 7.41 19.51 -0.21
N MET A 161 6.15 19.07 -0.26
CA MET A 161 5.65 18.17 -1.30
C MET A 161 6.53 16.94 -1.43
N SER A 162 6.97 16.42 -0.29
CA SER A 162 7.88 15.30 -0.26
C SER A 162 7.48 14.39 0.90
N TRP A 163 7.93 13.15 0.84
CA TRP A 163 7.77 12.23 1.95
C TRP A 163 8.87 12.54 2.97
N SER A 164 8.48 12.89 4.18
CA SER A 164 9.42 13.29 5.22
C SER A 164 9.47 12.19 6.26
N CYS A 165 10.53 11.38 6.22
CA CYS A 165 10.70 10.33 7.21
C CYS A 165 11.72 10.72 8.27
N GLY A 166 11.52 11.88 8.88
CA GLY A 166 12.42 12.28 9.94
C GLY A 166 13.49 13.23 9.46
N GLY A 167 14.71 12.71 9.28
CA GLY A 167 15.84 13.54 9.03
C GLY A 167 15.88 14.07 7.61
N PRO A 168 16.93 14.84 7.30
CA PRO A 168 17.04 15.42 5.96
C PRO A 168 17.52 14.43 4.90
N ASP A 169 18.07 13.28 5.29
CA ASP A 169 18.42 12.26 4.32
C ASP A 169 17.18 11.49 3.84
N PHE A 170 16.13 11.39 4.66
CA PHE A 170 14.92 10.66 4.33
C PHE A 170 13.79 11.59 3.91
N LYS A 171 14.11 12.77 3.41
CA LYS A 171 13.17 13.65 2.74
C LYS A 171 13.27 13.32 1.25
N TYR A 172 12.22 12.73 0.69
CA TYR A 172 12.26 12.23 -0.68
C TYR A 172 11.45 13.17 -1.57
N CYS A 173 12.12 14.20 -2.12
CA CYS A 173 11.55 15.03 -3.19
C CYS A 173 11.17 14.17 -4.40
N ILE A 174 10.68 14.80 -5.46
CA ILE A 174 10.40 14.07 -6.69
C ILE A 174 11.69 13.79 -7.44
N ASN A 175 12.72 14.61 -7.26
CA ASN A 175 13.99 14.34 -7.92
C ASN A 175 14.66 13.11 -7.32
N ASP A 176 14.47 12.85 -6.02
CA ASP A 176 15.06 11.67 -5.40
C ASP A 176 14.49 10.38 -5.98
N VAL A 177 13.24 10.39 -6.44
CA VAL A 177 12.66 9.19 -7.01
C VAL A 177 13.09 8.97 -8.47
N THR A 178 13.37 10.03 -9.22
CA THR A 178 13.77 9.83 -10.61
C THR A 178 15.14 9.18 -10.71
N LYS A 179 15.97 9.34 -9.68
CA LYS A 179 17.26 8.70 -9.58
C LYS A 179 17.15 7.27 -9.11
N ALA A 180 15.97 6.68 -9.32
CA ALA A 180 15.73 5.28 -9.00
C ALA A 180 14.95 4.61 -10.12
N GLY A 181 14.91 5.22 -11.30
CA GLY A 181 14.34 4.59 -12.48
C GLY A 181 12.93 4.99 -12.88
N HIS A 182 12.30 5.96 -12.23
CA HIS A 182 10.94 6.33 -12.58
C HIS A 182 10.86 7.74 -13.18
N THR A 183 9.85 7.95 -14.01
CA THR A 183 9.68 9.20 -14.71
C THR A 183 8.40 9.90 -14.25
N LEU A 184 8.28 11.16 -14.65
CA LEU A 184 7.15 11.97 -14.23
C LEU A 184 5.84 11.44 -14.77
N GLU A 185 5.87 10.57 -15.79
CA GLU A 185 4.65 9.92 -16.28
C GLU A 185 4.02 9.03 -15.23
N LEU A 186 4.73 8.72 -14.16
CA LEU A 186 4.17 8.09 -12.99
C LEU A 186 4.18 9.01 -11.77
N LEU A 187 5.24 9.79 -11.62
CA LEU A 187 5.39 10.62 -10.44
C LEU A 187 4.35 11.73 -10.38
N GLU A 188 3.96 12.28 -11.55
CA GLU A 188 2.96 13.35 -11.56
C GLU A 188 1.63 12.88 -10.99
N PRO A 189 0.94 11.89 -11.56
CA PRO A 189 -0.31 11.41 -10.93
C PRO A 189 -0.10 10.86 -9.53
N LEU A 190 1.10 10.38 -9.19
CA LEU A 190 1.30 9.88 -7.84
C LEU A 190 1.19 11.01 -6.83
N VAL A 191 1.90 12.11 -7.07
CA VAL A 191 1.84 13.24 -6.16
C VAL A 191 0.45 13.88 -6.14
N LYS A 192 -0.21 13.96 -7.30
CA LYS A 192 -1.59 14.43 -7.31
C LYS A 192 -2.49 13.53 -6.45
N PHE A 193 -2.23 12.21 -6.48
CA PHE A 193 -2.97 11.29 -5.62
C PHE A 193 -2.70 11.55 -4.15
N GLN A 194 -1.46 11.95 -3.82
CA GLN A 194 -1.07 12.06 -2.42
C GLN A 194 -1.62 13.32 -1.77
N VAL A 195 -1.85 14.37 -2.55
CA VAL A 195 -2.50 15.55 -2.00
C VAL A 195 -4.01 15.37 -1.97
N GLY A 196 -4.60 14.80 -3.02
CA GLY A 196 -6.02 14.49 -2.99
C GLY A 196 -6.40 13.64 -1.81
N LEU A 197 -5.52 12.72 -1.42
CA LEU A 197 -5.80 11.92 -0.23
C LEU A 197 -5.56 12.73 1.04
N LYS A 198 -4.54 13.57 1.03
CA LYS A 198 -4.21 14.34 2.21
C LYS A 198 -5.33 15.33 2.53
N LYS A 199 -5.91 15.96 1.50
CA LYS A 199 -6.97 16.94 1.73
C LYS A 199 -8.25 16.31 2.26
N LEU A 200 -8.45 15.01 2.08
CA LEU A 200 -9.66 14.37 2.61
C LEU A 200 -9.69 14.39 4.13
N LYS A 201 -8.53 14.38 4.80
CA LYS A 201 -8.41 14.41 6.25
C LYS A 201 -9.15 13.24 6.91
N LEU A 202 -8.80 12.03 6.47
CA LEU A 202 -9.38 10.80 6.97
C LEU A 202 -9.02 10.56 8.44
N HIS A 203 -9.97 9.99 9.19
CA HIS A 203 -9.66 9.46 10.50
C HIS A 203 -8.77 8.22 10.36
N GLU A 204 -8.21 7.77 11.48
CA GLU A 204 -7.42 6.54 11.44
C GLU A 204 -8.29 5.37 10.97
N GLU A 205 -9.43 5.18 11.63
CA GLU A 205 -10.35 4.10 11.27
C GLU A 205 -10.77 4.12 9.80
N GLU A 206 -10.81 5.30 9.17
CA GLU A 206 -11.16 5.32 7.75
C GLU A 206 -9.97 4.91 6.87
N HIS A 207 -8.77 5.42 7.18
CA HIS A 207 -7.56 5.10 6.43
C HIS A 207 -7.29 3.60 6.40
N VAL A 208 -7.36 2.95 7.56
CA VAL A 208 -7.15 1.51 7.63
C VAL A 208 -8.21 0.74 6.84
N LEU A 209 -9.48 1.16 6.94
CA LEU A 209 -10.53 0.48 6.18
C LEU A 209 -10.25 0.56 4.69
N LEU A 210 -9.94 1.76 4.21
CA LEU A 210 -9.55 1.93 2.82
C LEU A 210 -8.46 0.93 2.41
N MET A 211 -7.41 0.77 3.22
CA MET A 211 -6.38 -0.19 2.85
C MET A 211 -6.94 -1.60 2.75
N ALA A 212 -7.69 -2.06 3.77
CA ALA A 212 -8.15 -3.45 3.78
C ALA A 212 -9.14 -3.72 2.65
N ILE A 213 -9.85 -2.70 2.19
CA ILE A 213 -10.77 -2.89 1.09
C ILE A 213 -10.03 -3.06 -0.22
N CYS A 214 -9.04 -2.20 -0.45
CA CYS A 214 -8.23 -2.28 -1.68
C CYS A 214 -7.54 -3.62 -1.80
N LEU A 215 -7.20 -4.24 -0.67
CA LEU A 215 -6.55 -5.53 -0.66
C LEU A 215 -7.50 -6.66 -1.10
N LEU A 216 -8.76 -6.59 -0.69
CA LEU A 216 -9.72 -7.68 -0.83
C LEU A 216 -10.53 -7.60 -2.12
N SER A 217 -10.15 -6.75 -3.06
CA SER A 217 -10.87 -6.65 -4.31
C SER A 217 -10.80 -7.98 -5.07
N PRO A 218 -11.91 -8.45 -5.65
CA PRO A 218 -11.91 -9.70 -6.44
C PRO A 218 -11.26 -9.55 -7.81
N ASP A 219 -11.55 -8.44 -8.49
CA ASP A 219 -11.01 -8.14 -9.83
C ASP A 219 -9.50 -7.95 -9.82
N ARG A 220 -8.78 -8.96 -9.36
CA ARG A 220 -7.36 -8.96 -9.57
C ARG A 220 -6.98 -10.24 -10.29
N PRO A 221 -5.90 -10.22 -11.10
CA PRO A 221 -5.49 -11.46 -11.80
C PRO A 221 -5.10 -12.54 -10.80
N GLY A 222 -5.60 -13.75 -11.02
CA GLY A 222 -5.18 -14.89 -10.27
C GLY A 222 -6.14 -15.36 -9.18
N VAL A 223 -7.10 -14.55 -8.76
CA VAL A 223 -8.03 -15.02 -7.74
C VAL A 223 -8.78 -16.24 -8.29
N GLN A 224 -9.16 -17.15 -7.40
CA GLN A 224 -10.02 -18.27 -7.78
C GLN A 224 -11.36 -18.29 -7.04
N ASP A 225 -11.44 -17.73 -5.83
CA ASP A 225 -12.70 -17.68 -5.09
C ASP A 225 -13.18 -16.24 -5.01
N HIS A 226 -13.71 -15.73 -6.13
CA HIS A 226 -14.26 -14.38 -6.13
C HIS A 226 -15.36 -14.23 -5.10
N VAL A 227 -16.31 -15.18 -5.07
CA VAL A 227 -17.49 -15.02 -4.23
C VAL A 227 -17.10 -14.87 -2.77
N ARG A 228 -16.07 -15.57 -2.32
CA ARG A 228 -15.73 -15.38 -0.92
C ARG A 228 -14.96 -14.09 -0.69
N ILE A 229 -14.07 -13.71 -1.60
CA ILE A 229 -13.31 -12.50 -1.29
C ILE A 229 -14.17 -11.27 -1.56
N GLU A 230 -15.16 -11.38 -2.45
CA GLU A 230 -16.09 -10.28 -2.64
C GLU A 230 -17.04 -10.15 -1.46
N ALA A 231 -17.54 -11.28 -0.94
CA ALA A 231 -18.31 -11.23 0.29
C ALA A 231 -17.51 -10.56 1.40
N LEU A 232 -16.21 -10.83 1.48
CA LEU A 232 -15.35 -10.19 2.46
C LEU A 232 -15.24 -8.70 2.21
N GLN A 233 -14.97 -8.32 0.96
CA GLN A 233 -14.82 -6.91 0.66
C GLN A 233 -16.09 -6.12 0.94
N ASP A 234 -17.25 -6.75 0.74
CA ASP A 234 -18.51 -6.04 0.89
C ASP A 234 -18.86 -5.81 2.35
N ARG A 235 -18.57 -6.79 3.21
CA ARG A 235 -18.67 -6.55 4.64
C ARG A 235 -17.83 -5.35 5.07
N LEU A 236 -16.69 -5.11 4.43
CA LEU A 236 -15.84 -3.99 4.82
C LEU A 236 -16.34 -2.67 4.26
N CYS A 237 -16.87 -2.64 3.03
CA CYS A 237 -17.54 -1.43 2.58
C CYS A 237 -18.66 -1.04 3.53
N ASP A 238 -19.48 -2.00 3.95
CA ASP A 238 -20.57 -1.72 4.89
C ASP A 238 -20.05 -1.05 6.16
N VAL A 239 -18.94 -1.54 6.70
CA VAL A 239 -18.41 -0.99 7.95
C VAL A 239 -17.95 0.45 7.75
N LEU A 240 -17.35 0.74 6.59
CA LEU A 240 -16.89 2.08 6.30
C LEU A 240 -18.07 3.05 6.17
N GLN A 241 -19.07 2.68 5.36
CA GLN A 241 -20.28 3.49 5.25
C GLN A 241 -20.90 3.75 6.60
N ALA A 242 -21.03 2.70 7.42
CA ALA A 242 -21.60 2.87 8.75
C ALA A 242 -20.76 3.82 9.58
N TYR A 243 -19.44 3.67 9.53
CA TYR A 243 -18.57 4.56 10.29
C TYR A 243 -18.83 6.02 9.92
N ILE A 244 -18.86 6.33 8.63
CA ILE A 244 -19.02 7.72 8.21
C ILE A 244 -20.39 8.28 8.61
N ARG A 245 -21.45 7.48 8.47
CA ARG A 245 -22.78 7.91 8.91
C ARG A 245 -22.79 8.29 10.39
N ILE A 246 -22.40 7.36 11.25
CA ILE A 246 -22.54 7.58 12.68
C ILE A 246 -21.47 8.54 13.17
N GLN A 247 -20.23 8.31 12.74
CA GLN A 247 -19.06 8.86 13.40
C GLN A 247 -18.38 9.98 12.61
N HIS A 248 -18.86 10.32 11.42
CA HIS A 248 -18.21 11.39 10.68
C HIS A 248 -19.18 12.54 10.46
N PRO A 249 -18.74 13.79 10.67
CA PRO A 249 -19.70 14.89 10.80
C PRO A 249 -20.19 15.42 9.45
N GLY A 250 -21.54 15.56 9.36
CA GLY A 250 -22.26 15.96 8.16
C GLY A 250 -22.53 14.82 7.22
N GLY A 251 -21.66 13.80 7.25
CA GLY A 251 -21.68 12.64 6.36
C GLY A 251 -21.01 12.94 5.04
N ARG A 252 -21.71 13.73 4.21
CA ARG A 252 -21.24 14.16 2.91
C ARG A 252 -21.04 12.96 2.00
N LEU A 253 -20.37 13.16 0.89
CA LEU A 253 -19.99 12.04 0.03
C LEU A 253 -18.54 11.66 0.28
N LEU A 254 -18.16 11.51 1.54
CA LEU A 254 -16.81 11.03 1.81
C LEU A 254 -16.61 9.64 1.22
N TYR A 255 -17.54 8.73 1.51
CA TYR A 255 -17.48 7.39 0.97
C TYR A 255 -17.27 7.39 -0.54
N ALA A 256 -17.91 8.32 -1.25
CA ALA A 256 -17.76 8.32 -2.70
C ALA A 256 -16.39 8.82 -3.13
N LYS A 257 -15.88 9.87 -2.47
CA LYS A 257 -14.55 10.36 -2.81
C LYS A 257 -13.50 9.33 -2.44
N MET A 258 -13.76 8.57 -1.39
CA MET A 258 -12.86 7.48 -1.04
C MET A 258 -12.86 6.41 -2.12
N ILE A 259 -14.03 5.95 -2.55
CA ILE A 259 -14.05 4.93 -3.59
C ILE A 259 -13.48 5.49 -4.89
N GLN A 260 -13.59 6.78 -5.12
CA GLN A 260 -12.90 7.36 -6.26
C GLN A 260 -11.40 7.09 -6.18
N LYS A 261 -10.80 7.20 -5.00
CA LYS A 261 -9.36 7.01 -4.86
C LYS A 261 -8.92 5.59 -5.23
N LEU A 262 -9.80 4.61 -5.08
CA LEU A 262 -9.45 3.27 -5.48
C LEU A 262 -9.19 3.19 -6.98
N ALA A 263 -10.09 3.80 -7.77
CA ALA A 263 -9.95 3.81 -9.22
C ALA A 263 -8.66 4.49 -9.67
N ASP A 264 -8.10 5.39 -8.86
CA ASP A 264 -6.82 6.00 -9.21
C ASP A 264 -5.68 5.02 -9.03
N LEU A 265 -5.69 4.26 -7.94
CA LEU A 265 -4.64 3.30 -7.67
C LEU A 265 -4.54 2.25 -8.77
N ARG A 266 -5.68 1.85 -9.35
CA ARG A 266 -5.61 0.96 -10.49
C ARG A 266 -4.78 1.58 -11.62
N SER A 267 -4.92 2.89 -11.82
CA SER A 267 -4.17 3.51 -12.90
C SER A 267 -2.70 3.72 -12.54
N LEU A 268 -2.42 4.01 -11.26
CA LEU A 268 -1.03 4.14 -10.83
C LEU A 268 -0.33 2.78 -10.80
N ASN A 269 -1.03 1.74 -10.33
CA ASN A 269 -0.53 0.38 -10.42
C ASN A 269 0.01 0.08 -11.79
N GLU A 270 -0.80 0.31 -12.82
CA GLU A 270 -0.40 -0.06 -14.17
C GLU A 270 0.86 0.67 -14.61
N GLU A 271 0.97 1.96 -14.27
CA GLU A 271 2.13 2.72 -14.72
C GLU A 271 3.41 2.20 -14.08
N HIS A 272 3.36 1.99 -12.77
CA HIS A 272 4.52 1.45 -12.06
C HIS A 272 4.93 0.11 -12.63
N SER A 273 3.98 -0.76 -12.90
CA SER A 273 4.34 -2.07 -13.40
C SER A 273 4.96 -2.01 -14.79
N LYS A 274 4.54 -1.04 -15.63
CA LYS A 274 5.23 -0.90 -16.91
C LYS A 274 6.66 -0.50 -16.68
N GLN A 275 6.88 0.49 -15.82
CA GLN A 275 8.22 1.03 -15.60
C GLN A 275 9.09 0.08 -14.80
N TYR A 276 8.48 -0.74 -13.96
CA TYR A 276 9.25 -1.76 -13.29
C TYR A 276 9.74 -2.81 -14.28
N ARG A 277 8.89 -3.20 -15.24
CA ARG A 277 9.29 -4.21 -16.22
C ARG A 277 10.53 -3.75 -16.99
N SER A 278 10.54 -2.49 -17.43
CA SER A 278 11.71 -1.98 -18.13
C SER A 278 12.95 -2.03 -17.25
N LEU A 279 12.81 -1.69 -15.98
CA LEU A 279 13.96 -1.77 -15.10
C LEU A 279 14.40 -3.20 -14.85
N SER A 280 13.47 -4.13 -14.69
CA SER A 280 13.84 -5.48 -14.31
C SER A 280 14.44 -6.26 -15.47
N PHE A 281 14.33 -5.77 -16.70
CA PHE A 281 14.94 -6.45 -17.82
C PHE A 281 16.40 -6.09 -17.99
N GLN A 282 16.85 -5.00 -17.37
CA GLN A 282 18.23 -4.57 -17.49
C GLN A 282 19.03 -5.20 -16.37
N PRO A 283 19.96 -6.11 -16.65
CA PRO A 283 20.53 -6.91 -15.56
C PRO A 283 21.36 -6.09 -14.59
N GLU A 284 21.85 -4.92 -15.01
CA GLU A 284 22.63 -4.06 -14.13
C GLU A 284 21.75 -3.28 -13.18
N HIS A 285 20.45 -3.36 -13.33
CA HIS A 285 19.53 -2.73 -12.40
C HIS A 285 18.77 -3.72 -11.55
N SER A 286 18.31 -4.83 -12.12
CA SER A 286 17.75 -5.91 -11.31
C SER A 286 18.75 -6.43 -10.29
N MET A 287 20.03 -6.27 -10.56
CA MET A 287 21.05 -6.69 -9.61
C MET A 287 20.95 -5.95 -8.29
N GLN A 288 20.35 -4.76 -8.29
CA GLN A 288 20.22 -3.90 -7.11
C GLN A 288 18.93 -4.13 -6.32
N LEU A 289 18.01 -4.93 -6.84
CA LEU A 289 16.76 -5.25 -6.18
C LEU A 289 16.99 -6.24 -5.03
N THR A 290 15.94 -6.46 -4.20
CA THR A 290 16.03 -7.50 -3.18
C THR A 290 15.31 -8.74 -3.69
N PRO A 291 15.62 -9.93 -3.13
CA PRO A 291 14.82 -11.13 -3.47
C PRO A 291 13.31 -10.95 -3.31
N LEU A 292 12.88 -10.24 -2.26
CA LEU A 292 11.44 -10.10 -2.00
C LEU A 292 10.77 -9.30 -3.11
N VAL A 293 11.34 -8.14 -3.45
CA VAL A 293 10.82 -7.33 -4.55
C VAL A 293 10.71 -8.15 -5.84
N LEU A 294 11.75 -8.92 -6.16
CA LEU A 294 11.72 -9.73 -7.39
C LEU A 294 10.63 -10.78 -7.33
N GLU A 295 10.34 -11.32 -6.15
CA GLU A 295 9.34 -12.38 -6.05
C GLU A 295 7.92 -11.82 -6.19
N VAL A 296 7.68 -10.62 -5.68
CA VAL A 296 6.34 -10.06 -5.62
C VAL A 296 5.95 -9.38 -6.93
N PHE A 297 6.81 -8.53 -7.49
CA PHE A 297 6.53 -7.86 -8.74
C PHE A 297 6.99 -8.66 -9.98
N GLY A 298 7.45 -9.93 -9.81
CA GLY A 298 7.69 -10.78 -10.97
C GLY A 298 6.41 -11.48 -11.42
N SER A 299 6.46 -12.13 -12.61
CA SER A 299 5.34 -12.94 -13.10
C SER A 299 5.77 -14.39 -13.12
N GLU A 300 5.37 -15.16 -12.12
CA GLU A 300 5.60 -16.61 -12.11
C GLU A 300 4.34 -17.39 -11.71
N HIS B 2 7.64 -18.12 -5.22
CA HIS B 2 6.59 -18.31 -4.23
C HIS B 2 7.20 -18.66 -2.87
N LYS B 3 8.50 -18.99 -2.89
CA LYS B 3 9.16 -19.54 -1.72
C LYS B 3 9.07 -18.58 -0.52
N ILE B 4 9.51 -17.33 -0.70
CA ILE B 4 9.61 -16.41 0.42
C ILE B 4 8.22 -16.00 0.94
N LEU B 5 7.25 -15.80 0.02
CA LEU B 5 5.90 -15.35 0.38
C LEU B 5 5.15 -16.39 1.21
N HIS B 6 5.20 -17.66 0.81
CA HIS B 6 4.62 -18.73 1.62
C HIS B 6 5.11 -18.70 3.06
N ARG B 7 6.45 -18.70 3.25
CA ARG B 7 7.00 -18.69 4.60
C ARG B 7 6.59 -17.44 5.35
N LEU B 8 6.60 -16.30 4.67
CA LEU B 8 6.17 -15.04 5.29
C LEU B 8 4.70 -15.10 5.70
N LEU B 9 3.85 -15.70 4.87
CA LEU B 9 2.45 -15.90 5.20
C LEU B 9 2.23 -16.92 6.32
N GLN B 10 3.31 -17.53 6.84
CA GLN B 10 3.23 -18.48 7.94
C GLN B 10 2.11 -19.52 7.75
#